data_5RC5
#
_entry.id   5RC5
#
_cell.length_a   45.234
_cell.length_b   73.008
_cell.length_c   52.296
_cell.angle_alpha   90.000
_cell.angle_beta   109.170
_cell.angle_gamma   90.000
#
_symmetry.space_group_name_H-M   'P 1 21 1'
#
loop_
_entity.id
_entity.type
_entity.pdbx_description
1 polymer Endothiapepsin
2 non-polymer (2R)-N-tert-butylpiperidine-2-carboxamide
3 non-polymer 'DIMETHYL SULFOXIDE'
4 non-polymer GLYCEROL
5 non-polymer 'ACETATE ION'
6 non-polymer 'TETRAETHYLENE GLYCOL'
7 non-polymer 'SODIUM ION'
8 water water
#
_entity_poly.entity_id   1
_entity_poly.type   'polypeptide(L)'
_entity_poly.pdbx_seq_one_letter_code
;MSSPLKNALVTAMLAGGALSSPTKQHVGIPVNASPEVGPGKYSFKQVRNPNYKFNGPLSVKKTYLKYGVPIPAWLEDAVQ
NSTSGLAERSTGSATTTPIDSLDDAYITPVQIGTPAQTLNLDFDTGSSDLWVFSSETTASEVDGQTIYTPSKSTTAKLLS
GATWSISYGDGSSSSGDVYTDTVSVGGLTVTGQAVESAKKVSSSFTEDSTIDGLLGLAFSTLNTVSPTQQKTFFDNAKAS
LDSPVFTADLGYHAPGTYNFGFIDTTAYTGSITYTAVSTKQGFWEWTSTGYAVGSGTFKSTSIDGIADTGTTLLYLPATV
VSAYWAQVSGAKSSSSVGGYVFPCSATLPSFTFGVGSARIVIPGDYIDFGPISTGSSSCFGGIQSSAGIGINIFGDVALK
AAFVVFNGATTPTLGFASK
;
_entity_poly.pdbx_strand_id   A
#
# COMPACT_ATOMS: atom_id res chain seq x y z
N SER A 90 7.17 15.43 18.42
CA SER A 90 6.16 15.87 17.41
C SER A 90 5.31 14.67 16.99
N THR A 91 4.18 14.99 16.40
CA THR A 91 3.27 13.97 15.82
C THR A 91 2.71 14.56 14.55
N GLY A 92 2.09 13.69 13.76
CA GLY A 92 1.24 14.12 12.65
C GLY A 92 0.07 13.18 12.52
N SER A 93 -1.00 13.66 11.90
CA SER A 93 -2.21 12.84 11.71
C SER A 93 -2.90 13.30 10.46
N ALA A 94 -3.09 12.43 9.47
CA ALA A 94 -3.69 12.81 8.19
C ALA A 94 -4.74 11.80 7.85
N THR A 95 -5.80 12.26 7.22
CA THR A 95 -6.86 11.38 6.72
C THR A 95 -6.48 10.84 5.38
N THR A 96 -6.73 9.56 5.16
CA THR A 96 -6.48 8.89 3.88
C THR A 96 -7.83 8.47 3.31
N THR A 97 -7.99 8.65 2.00
CA THR A 97 -9.34 8.55 1.38
C THR A 97 -9.22 7.59 0.21
N PRO A 98 -10.12 6.58 0.08
N PRO A 98 -10.17 6.64 0.06
N PRO A 98 -10.13 6.59 0.11
N PRO A 98 -10.16 6.61 0.09
CA PRO A 98 -10.19 5.82 -1.17
CA PRO A 98 -10.10 5.71 -1.09
CA PRO A 98 -10.22 5.77 -1.10
CA PRO A 98 -10.14 5.70 -1.05
C PRO A 98 -10.27 6.63 -2.46
C PRO A 98 -10.33 6.50 -2.38
C PRO A 98 -10.39 6.63 -2.35
C PRO A 98 -10.43 6.51 -2.31
N ILE A 99 -9.57 6.15 -3.47
N ILE A 99 -9.59 6.14 -3.43
N ILE A 99 -9.66 6.32 -3.42
N ILE A 99 -9.68 6.28 -3.38
CA ILE A 99 -9.56 6.86 -4.77
CA ILE A 99 -9.61 6.87 -4.71
CA ILE A 99 -9.77 7.06 -4.70
CA ILE A 99 -9.79 7.07 -4.64
C ILE A 99 -10.84 6.52 -5.54
C ILE A 99 -10.87 6.55 -5.51
C ILE A 99 -11.07 6.69 -5.40
C ILE A 99 -11.09 6.70 -5.35
N ASP A 100 -11.57 5.47 -5.20
CA ASP A 100 -12.75 5.03 -5.96
C ASP A 100 -13.57 4.15 -5.10
N SER A 101 -14.68 3.65 -5.66
CA SER A 101 -15.68 2.88 -4.91
C SER A 101 -15.20 1.46 -4.55
N LEU A 102 -14.06 1.03 -5.05
CA LEU A 102 -13.53 -0.30 -4.79
C LEU A 102 -12.42 -0.27 -3.77
N ASP A 103 -11.98 0.89 -3.30
CA ASP A 103 -10.78 1.01 -2.45
C ASP A 103 -9.55 0.52 -3.21
N ASP A 104 -9.42 0.88 -4.47
N ASP A 104 -9.42 0.88 -4.47
N ASP A 104 -9.42 0.90 -4.47
N ASP A 104 -9.42 0.90 -4.47
CA ASP A 104 -8.24 0.42 -5.23
CA ASP A 104 -8.24 0.42 -5.23
CA ASP A 104 -8.32 0.41 -5.34
CA ASP A 104 -8.32 0.41 -5.34
C ASP A 104 -6.94 0.96 -4.62
C ASP A 104 -6.94 0.96 -4.62
C ASP A 104 -6.98 1.03 -4.91
C ASP A 104 -6.98 1.03 -4.91
N ALA A 105 -7.01 2.17 -4.07
N ALA A 105 -7.01 2.17 -4.07
N ALA A 105 -7.05 2.13 -4.15
N ALA A 105 -7.05 2.13 -4.15
CA ALA A 105 -5.86 2.78 -3.41
CA ALA A 105 -5.86 2.78 -3.41
CA ALA A 105 -5.89 2.79 -3.51
CA ALA A 105 -5.89 2.79 -3.51
C ALA A 105 -6.42 3.89 -2.56
C ALA A 105 -6.42 3.89 -2.56
C ALA A 105 -6.42 3.89 -2.60
C ALA A 105 -6.42 3.89 -2.60
N TYR A 106 -5.57 4.45 -1.73
CA TYR A 106 -5.91 5.52 -0.82
C TYR A 106 -4.97 6.68 -1.05
N ILE A 107 -5.48 7.87 -0.99
CA ILE A 107 -4.67 9.08 -1.13
C ILE A 107 -4.73 9.91 0.14
N THR A 108 -3.61 10.55 0.41
CA THR A 108 -3.42 11.34 1.63
C THR A 108 -2.83 12.66 1.20
N PRO A 109 -3.36 13.81 1.64
CA PRO A 109 -2.80 15.09 1.23
C PRO A 109 -1.45 15.31 1.93
N VAL A 110 -0.53 15.85 1.15
CA VAL A 110 0.85 16.12 1.58
C VAL A 110 1.21 17.51 1.12
N GLN A 111 1.73 18.33 2.04
CA GLN A 111 2.18 19.68 1.70
C GLN A 111 3.66 19.66 1.33
N ILE A 112 3.99 20.19 0.19
CA ILE A 112 5.39 20.22 -0.29
C ILE A 112 5.74 21.66 -0.61
N GLY A 113 6.85 22.14 -0.12
CA GLY A 113 7.36 23.43 -0.56
C GLY A 113 6.84 24.59 0.24
N THR A 114 7.28 25.79 -0.18
CA THR A 114 6.91 27.06 0.47
C THR A 114 6.66 28.10 -0.60
N PRO A 115 5.46 28.67 -0.72
CA PRO A 115 4.26 28.26 0.01
C PRO A 115 3.89 26.83 -0.34
N ALA A 116 3.07 26.21 0.50
CA ALA A 116 2.70 24.81 0.37
C ALA A 116 2.06 24.56 -0.97
N GLN A 117 2.46 23.46 -1.56
CA GLN A 117 1.78 22.85 -2.70
C GLN A 117 1.20 21.53 -2.20
N THR A 118 -0.09 21.34 -2.19
CA THR A 118 -0.70 20.14 -1.64
C THR A 118 -0.93 19.15 -2.77
N LEU A 119 -0.32 18.00 -2.63
CA LEU A 119 -0.49 16.88 -3.57
C LEU A 119 -1.09 15.71 -2.83
N ASN A 120 -1.87 14.92 -3.51
CA ASN A 120 -2.50 13.73 -2.92
C ASN A 120 -1.68 12.49 -3.27
N LEU A 121 -1.00 11.96 -2.26
CA LEU A 121 -0.03 10.87 -2.51
C LEU A 121 -0.58 9.57 -1.98
N ASP A 122 -0.10 8.51 -2.60
N ASP A 122 -0.10 8.51 -2.60
N ASP A 122 -0.14 8.49 -2.64
N ASP A 122 -0.14 8.49 -2.64
CA ASP A 122 -0.40 7.13 -2.21
CA ASP A 122 -0.40 7.13 -2.21
CA ASP A 122 -0.41 7.09 -2.25
CA ASP A 122 -0.41 7.09 -2.25
C ASP A 122 0.69 6.68 -1.25
C ASP A 122 0.69 6.68 -1.25
C ASP A 122 0.69 6.65 -1.27
C ASP A 122 0.69 6.65 -1.27
N PHE A 123 0.37 6.57 0.02
CA PHE A 123 1.33 6.13 1.06
C PHE A 123 1.56 4.63 0.90
N ASP A 124 2.81 4.24 0.69
CA ASP A 124 3.13 2.89 0.26
C ASP A 124 4.17 2.27 1.18
N THR A 125 3.74 1.42 2.11
CA THR A 125 4.68 0.72 2.99
C THR A 125 5.46 -0.35 2.27
N GLY A 126 5.26 -0.58 1.00
CA GLY A 126 6.07 -1.49 0.21
C GLY A 126 7.08 -0.83 -0.68
N SER A 127 7.34 0.46 -0.57
CA SER A 127 8.41 1.11 -1.32
C SER A 127 8.94 2.27 -0.51
N SER A 128 10.01 2.86 -1.04
CA SER A 128 10.81 3.79 -0.22
C SER A 128 11.16 5.06 -0.94
N ASP A 129 10.43 5.44 -1.97
CA ASP A 129 10.65 6.67 -2.72
C ASP A 129 9.44 7.58 -2.52
N LEU A 130 9.69 8.85 -2.32
CA LEU A 130 8.64 9.89 -2.31
C LEU A 130 8.77 10.56 -3.66
N TRP A 131 7.88 10.26 -4.59
CA TRP A 131 7.99 10.82 -5.92
C TRP A 131 6.67 11.47 -6.28
N VAL A 132 6.76 12.47 -7.13
CA VAL A 132 5.58 13.29 -7.49
C VAL A 132 5.56 13.56 -8.96
N PHE A 133 4.36 13.67 -9.50
CA PHE A 133 4.13 14.38 -10.75
C PHE A 133 4.62 15.81 -10.55
N SER A 134 5.20 16.37 -11.60
CA SER A 134 5.87 17.65 -11.46
C SER A 134 5.77 18.46 -12.74
N SER A 135 6.28 19.68 -12.64
CA SER A 135 6.48 20.57 -13.82
C SER A 135 7.48 19.96 -14.79
N GLU A 136 8.21 18.94 -14.42
CA GLU A 136 9.20 18.28 -15.29
C GLU A 136 8.59 17.07 -15.96
N THR A 137 7.41 16.63 -15.58
CA THR A 137 6.85 15.39 -16.12
C THR A 137 6.46 15.63 -17.58
N THR A 138 6.91 14.75 -18.46
CA THR A 138 6.51 14.76 -19.90
C THR A 138 5.04 15.09 -20.01
N ALA A 139 4.69 16.13 -20.77
CA ALA A 139 3.34 16.71 -20.77
C ALA A 139 2.32 15.63 -21.17
N SER A 140 2.61 14.80 -22.15
CA SER A 140 1.66 13.79 -22.64
C SER A 140 1.42 12.69 -21.59
N GLU A 141 2.21 12.65 -20.52
CA GLU A 141 2.05 11.65 -19.44
C GLU A 141 1.33 12.23 -18.23
N VAL A 142 0.89 13.46 -18.31
CA VAL A 142 0.09 14.08 -17.23
C VAL A 142 -1.34 14.15 -17.73
N ASP A 143 -2.30 13.64 -16.99
CA ASP A 143 -3.75 13.70 -17.33
C ASP A 143 -4.58 13.93 -16.06
N GLY A 144 -4.56 15.14 -15.56
CA GLY A 144 -5.44 15.56 -14.45
C GLY A 144 -4.74 15.61 -13.11
N GLN A 145 -3.53 15.07 -13.00
CA GLN A 145 -2.82 15.09 -11.69
C GLN A 145 -2.44 16.52 -11.32
N THR A 146 -2.36 16.77 -10.02
CA THR A 146 -1.75 18.00 -9.52
C THR A 146 -0.25 17.84 -9.55
N ILE A 147 0.49 18.81 -9.98
CA ILE A 147 1.95 18.72 -10.12
C ILE A 147 2.64 19.59 -9.08
N TYR A 148 3.81 19.12 -8.68
CA TYR A 148 4.76 19.90 -7.88
C TYR A 148 5.63 20.73 -8.84
N THR A 149 5.74 22.02 -8.57
CA THR A 149 6.58 22.93 -9.38
C THR A 149 7.67 23.47 -8.46
N PRO A 150 8.88 22.88 -8.48
CA PRO A 150 9.92 23.30 -7.56
C PRO A 150 10.31 24.77 -7.74
N SER A 151 10.18 25.31 -8.94
CA SER A 151 10.57 26.70 -9.21
C SER A 151 9.67 27.66 -8.45
N LYS A 152 8.50 27.24 -7.99
CA LYS A 152 7.58 28.08 -7.22
C LYS A 152 7.78 27.90 -5.72
N SER A 153 8.71 27.07 -5.30
CA SER A 153 8.97 26.83 -3.88
C SER A 153 10.25 27.51 -3.48
N THR A 154 10.19 28.37 -2.48
CA THR A 154 11.36 29.12 -2.05
C THR A 154 12.31 28.22 -1.30
N THR A 155 11.87 27.05 -0.87
CA THR A 155 12.71 26.12 -0.08
C THR A 155 13.20 24.95 -0.94
N ALA A 156 12.82 24.87 -2.18
CA ALA A 156 13.27 23.77 -3.04
C ALA A 156 14.73 23.98 -3.44
N LYS A 157 15.49 22.90 -3.51
N LYS A 157 15.51 22.91 -3.41
N LYS A 157 15.49 22.90 -3.51
N LYS A 157 15.51 22.91 -3.41
CA LYS A 157 16.87 22.98 -4.00
CA LYS A 157 16.92 22.89 -3.86
CA LYS A 157 16.87 22.97 -4.00
CA LYS A 157 16.92 22.89 -3.86
C LYS A 157 17.20 21.68 -4.72
C LYS A 157 17.08 21.68 -4.79
C LYS A 157 17.20 21.68 -4.72
C LYS A 157 17.08 21.67 -4.79
N LEU A 158 17.67 21.83 -5.97
CA LEU A 158 18.04 20.66 -6.78
C LEU A 158 19.03 19.85 -5.96
N LEU A 159 18.86 18.56 -5.91
CA LEU A 159 19.86 17.64 -5.35
C LEU A 159 20.74 17.25 -6.54
N SER A 160 21.82 17.99 -6.72
N SER A 160 21.83 17.97 -6.69
N SER A 160 21.82 17.99 -6.72
N SER A 160 21.83 17.97 -6.69
CA SER A 160 22.57 18.00 -7.99
CA SER A 160 22.68 17.99 -7.91
CA SER A 160 22.54 18.00 -8.00
CA SER A 160 22.67 17.99 -7.92
C SER A 160 23.14 16.61 -8.29
C SER A 160 23.14 16.57 -8.25
C SER A 160 23.13 16.62 -8.29
C SER A 160 23.14 16.58 -8.26
N GLY A 161 22.85 16.11 -9.48
CA GLY A 161 23.36 14.85 -9.98
C GLY A 161 22.51 13.68 -9.62
N ALA A 162 21.53 13.85 -8.75
CA ALA A 162 20.75 12.70 -8.25
C ALA A 162 19.64 12.35 -9.25
N THR A 163 19.51 11.07 -9.50
CA THR A 163 18.39 10.55 -10.32
C THR A 163 17.76 9.40 -9.60
N TRP A 164 16.59 9.00 -10.11
CA TRP A 164 15.87 7.88 -9.52
C TRP A 164 15.10 7.18 -10.63
N SER A 165 14.83 5.94 -10.38
CA SER A 165 14.05 5.10 -11.33
C SER A 165 13.54 3.92 -10.56
N ILE A 166 12.23 3.71 -10.66
CA ILE A 166 11.59 2.62 -9.88
C ILE A 166 10.61 1.85 -10.76
N SER A 167 10.58 0.56 -10.47
CA SER A 167 9.68 -0.42 -11.12
C SER A 167 8.90 -1.07 -10.02
N TYR A 168 7.59 -1.12 -10.12
N TYR A 168 7.59 -1.12 -10.12
N TYR A 168 7.57 -1.09 -10.13
N TYR A 168 7.57 -1.09 -10.13
CA TYR A 168 6.75 -1.73 -9.06
CA TYR A 168 6.75 -1.73 -9.06
CA TYR A 168 6.63 -1.69 -9.16
CA TYR A 168 6.63 -1.69 -9.16
C TYR A 168 6.34 -3.15 -9.46
C TYR A 168 6.34 -3.15 -9.46
C TYR A 168 6.13 -3.03 -9.68
C TYR A 168 6.13 -3.03 -9.68
N GLY A 169 5.76 -3.86 -8.49
N GLY A 169 5.76 -3.86 -8.49
N GLY A 169 6.00 -4.00 -8.76
N GLY A 169 6.00 -4.00 -8.76
CA GLY A 169 5.33 -5.26 -8.64
CA GLY A 169 5.33 -5.26 -8.64
CA GLY A 169 5.62 -5.40 -9.05
CA GLY A 169 5.62 -5.40 -9.05
C GLY A 169 4.28 -5.44 -9.73
C GLY A 169 4.29 -5.44 -9.72
C GLY A 169 4.63 -5.52 -10.20
C GLY A 169 4.63 -5.52 -10.20
N ASP A 170 3.54 -4.39 -10.06
N ASP A 170 3.54 -4.39 -10.06
N ASP A 170 3.64 -4.63 -10.24
N ASP A 170 3.62 -4.64 -10.25
CA ASP A 170 2.43 -4.45 -11.05
CA ASP A 170 2.43 -4.45 -11.05
CA ASP A 170 2.58 -4.65 -11.30
CA ASP A 170 2.57 -4.64 -11.30
C ASP A 170 2.92 -4.07 -12.44
C ASP A 170 2.92 -4.07 -12.44
C ASP A 170 3.21 -4.31 -12.64
C ASP A 170 3.21 -4.31 -12.64
N GLY A 171 4.23 -3.86 -12.64
N GLY A 171 4.23 -3.86 -12.64
N GLY A 171 4.49 -3.89 -12.63
N GLY A 171 4.49 -3.89 -12.63
CA GLY A 171 4.83 -3.54 -13.95
CA GLY A 171 4.83 -3.54 -13.95
CA GLY A 171 5.24 -3.51 -13.84
CA GLY A 171 5.24 -3.51 -13.84
C GLY A 171 4.89 -2.04 -14.23
C GLY A 171 4.89 -2.04 -14.23
C GLY A 171 5.05 -2.05 -14.20
C GLY A 171 5.05 -2.05 -14.20
N SER A 172 4.37 -1.21 -13.32
N SER A 172 4.38 -1.21 -13.32
N SER A 172 4.44 -1.27 -13.31
N SER A 172 4.44 -1.27 -13.31
CA SER A 172 4.40 0.26 -13.51
CA SER A 172 4.40 0.26 -13.51
CA SER A 172 4.38 0.22 -13.42
CA SER A 172 4.38 0.22 -13.42
C SER A 172 5.78 0.79 -13.12
C SER A 172 5.78 0.79 -13.12
C SER A 172 5.78 0.77 -13.13
C SER A 172 5.78 0.77 -13.13
N SER A 173 6.05 2.01 -13.54
CA SER A 173 7.38 2.61 -13.34
C SER A 173 7.32 4.10 -13.44
N SER A 174 8.39 4.73 -12.94
CA SER A 174 8.58 6.16 -13.03
C SER A 174 10.07 6.45 -12.78
N SER A 175 10.47 7.63 -13.21
CA SER A 175 11.88 8.05 -13.05
C SER A 175 12.00 9.54 -13.18
N GLY A 176 13.13 10.07 -12.72
CA GLY A 176 13.37 11.49 -12.84
C GLY A 176 14.56 11.95 -12.04
N ASP A 177 14.46 13.21 -11.65
CA ASP A 177 15.52 13.86 -10.85
C ASP A 177 15.02 14.21 -9.45
N VAL A 178 15.79 14.92 -8.66
CA VAL A 178 15.50 15.01 -7.23
C VAL A 178 15.69 16.42 -6.75
N TYR A 179 14.79 16.89 -5.90
CA TYR A 179 14.90 18.16 -5.17
C TYR A 179 14.89 17.83 -3.70
N THR A 180 15.40 18.68 -2.87
CA THR A 180 15.07 18.62 -1.46
C THR A 180 14.11 19.76 -1.19
N ASP A 181 13.17 19.53 -0.28
CA ASP A 181 12.19 20.58 0.08
C ASP A 181 11.58 20.20 1.41
N THR A 182 10.78 21.11 1.92
CA THR A 182 10.02 20.90 3.15
C THR A 182 8.76 20.12 2.84
N VAL A 183 8.51 19.06 3.56
CA VAL A 183 7.34 18.19 3.34
C VAL A 183 6.65 18.07 4.66
N SER A 184 5.33 18.26 4.66
CA SER A 184 4.50 18.13 5.87
C SER A 184 3.37 17.15 5.61
N VAL A 185 3.12 16.31 6.57
CA VAL A 185 2.02 15.35 6.55
C VAL A 185 1.26 15.53 7.82
N GLY A 186 0.01 15.96 7.73
CA GLY A 186 -0.83 15.97 8.93
C GLY A 186 -0.28 16.84 10.02
N GLY A 187 0.43 17.92 9.70
CA GLY A 187 1.03 18.80 10.71
C GLY A 187 2.44 18.40 11.10
N LEU A 188 2.99 17.30 10.66
CA LEU A 188 4.38 16.90 10.94
C LEU A 188 5.26 17.34 9.80
N THR A 189 6.28 18.12 10.07
CA THR A 189 7.13 18.72 9.03
C THR A 189 8.52 18.13 9.05
N VAL A 190 9.01 17.80 7.88
CA VAL A 190 10.42 17.42 7.65
C VAL A 190 11.02 18.43 6.71
N THR A 191 12.15 18.99 7.11
CA THR A 191 12.94 19.83 6.20
C THR A 191 13.99 18.97 5.52
N GLY A 192 14.33 19.33 4.30
CA GLY A 192 15.38 18.65 3.56
C GLY A 192 14.92 17.28 3.08
N GLN A 193 13.64 17.00 2.93
CA GLN A 193 13.18 15.73 2.39
C GLN A 193 13.49 15.63 0.92
N ALA A 194 13.98 14.50 0.49
CA ALA A 194 14.13 14.24 -0.95
C ALA A 194 12.76 14.05 -1.57
N VAL A 195 12.46 14.90 -2.51
CA VAL A 195 11.22 14.88 -3.32
C VAL A 195 11.65 14.52 -4.72
N GLU A 196 11.29 13.34 -5.16
CA GLU A 196 11.75 12.80 -6.44
C GLU A 196 10.76 13.26 -7.49
N SER A 197 11.18 14.09 -8.40
CA SER A 197 10.36 14.73 -9.43
C SER A 197 10.32 13.86 -10.66
N ALA A 198 9.15 13.41 -11.07
CA ALA A 198 9.08 12.52 -12.23
C ALA A 198 9.29 13.30 -13.52
N LYS A 199 10.17 12.76 -14.33
CA LYS A 199 10.26 13.16 -15.75
C LYS A 199 9.41 12.23 -16.58
N LYS A 200 9.30 10.98 -16.21
CA LYS A 200 8.56 9.96 -16.98
C LYS A 200 7.77 9.12 -16.01
N VAL A 201 6.55 8.78 -16.39
CA VAL A 201 5.72 7.84 -15.63
C VAL A 201 5.11 6.85 -16.63
N SER A 202 4.83 5.66 -16.19
CA SER A 202 4.17 4.66 -17.08
C SER A 202 2.70 4.97 -17.16
N SER A 203 2.09 4.29 -18.13
CA SER A 203 0.69 4.55 -18.50
C SER A 203 -0.28 4.41 -17.32
N SER A 204 -0.04 3.44 -16.43
N SER A 204 -0.04 3.44 -16.43
N SER A 204 -0.09 3.41 -16.45
N SER A 204 -0.09 3.41 -16.45
CA SER A 204 -0.97 3.17 -15.31
CA SER A 204 -0.97 3.17 -15.31
CA SER A 204 -0.99 3.20 -15.29
CA SER A 204 -1.00 3.21 -15.29
C SER A 204 -0.98 4.37 -14.36
C SER A 204 -0.98 4.37 -14.36
C SER A 204 -1.05 4.51 -14.48
C SER A 204 -1.05 4.51 -14.48
N PHE A 205 0.11 5.12 -14.26
N PHE A 205 0.11 5.12 -14.26
N PHE A 205 0.10 5.10 -14.17
N PHE A 205 0.10 5.10 -14.17
CA PHE A 205 0.12 6.35 -13.43
CA PHE A 205 0.12 6.35 -13.43
CA PHE A 205 0.17 6.36 -13.40
CA PHE A 205 0.17 6.36 -13.40
C PHE A 205 -0.62 7.45 -14.17
C PHE A 205 -0.62 7.45 -14.17
C PHE A 205 -0.59 7.46 -14.15
C PHE A 205 -0.59 7.46 -14.15
N THR A 206 -0.32 7.66 -15.45
CA THR A 206 -0.99 8.72 -16.22
C THR A 206 -2.52 8.56 -16.15
N GLU A 207 -2.96 7.31 -16.25
CA GLU A 207 -4.41 6.97 -16.31
C GLU A 207 -5.12 7.15 -14.98
N ASP A 208 -4.38 7.27 -13.88
N ASP A 208 -4.38 7.27 -13.88
N ASP A 208 -4.39 7.24 -13.86
N ASP A 208 -4.39 7.24 -13.86
CA ASP A 208 -4.98 7.48 -12.56
CA ASP A 208 -4.98 7.48 -12.56
CA ASP A 208 -4.96 7.45 -12.50
CA ASP A 208 -4.96 7.45 -12.50
C ASP A 208 -4.83 8.96 -12.18
C ASP A 208 -4.83 8.96 -12.18
C ASP A 208 -4.85 8.93 -12.12
C ASP A 208 -4.85 8.93 -12.12
N SER A 209 -5.82 9.76 -12.53
CA SER A 209 -5.81 11.22 -12.29
C SER A 209 -5.83 11.56 -10.81
N THR A 210 -6.22 10.63 -9.96
CA THR A 210 -6.44 10.89 -8.53
C THR A 210 -5.14 10.78 -7.74
N ILE A 211 -4.10 10.16 -8.29
N ILE A 211 -4.10 10.16 -8.29
N ILE A 211 -4.10 10.15 -8.28
N ILE A 211 -4.10 10.15 -8.28
CA ILE A 211 -2.84 9.93 -7.54
CA ILE A 211 -2.84 9.93 -7.54
CA ILE A 211 -2.82 9.89 -7.53
CA ILE A 211 -2.82 9.89 -7.53
C ILE A 211 -1.75 10.83 -8.08
C ILE A 211 -1.75 10.83 -8.08
C ILE A 211 -1.73 10.80 -8.08
C ILE A 211 -1.73 10.80 -8.08
N ASP A 212 -1.24 11.73 -7.25
CA ASP A 212 -0.25 12.71 -7.67
C ASP A 212 1.17 12.23 -7.41
N GLY A 213 1.33 11.04 -6.87
CA GLY A 213 2.63 10.46 -6.57
C GLY A 213 2.51 9.53 -5.42
N LEU A 214 3.66 9.03 -4.98
N LEU A 214 3.66 9.03 -4.98
N LEU A 214 3.65 8.98 -5.01
N LEU A 214 3.65 8.98 -5.01
CA LEU A 214 3.77 8.01 -3.94
CA LEU A 214 3.77 8.01 -3.94
CA LEU A 214 3.74 7.97 -3.94
CA LEU A 214 3.74 7.97 -3.94
C LEU A 214 4.62 8.55 -2.80
C LEU A 214 4.62 8.55 -2.80
C LEU A 214 4.64 8.50 -2.83
C LEU A 214 4.64 8.50 -2.83
N LEU A 215 4.32 8.13 -1.60
CA LEU A 215 5.16 8.41 -0.43
C LEU A 215 5.52 7.09 0.18
N GLY A 216 6.77 6.66 -0.02
CA GLY A 216 7.23 5.36 0.45
C GLY A 216 7.50 5.34 1.93
N LEU A 217 7.12 4.23 2.54
CA LEU A 217 7.24 4.01 3.99
C LEU A 217 7.86 2.67 4.32
N ALA A 218 8.46 2.01 3.34
CA ALA A 218 9.30 0.84 3.63
C ALA A 218 10.66 1.35 4.10
N PHE A 219 11.64 0.46 4.24
CA PHE A 219 12.94 0.87 4.80
C PHE A 219 13.74 1.59 3.74
N SER A 220 14.58 2.52 4.21
CA SER A 220 15.29 3.44 3.28
C SER A 220 16.32 2.70 2.42
N THR A 221 16.70 1.48 2.78
CA THR A 221 17.57 0.63 1.98
C THR A 221 16.99 0.33 0.62
N LEU A 222 15.66 0.47 0.41
CA LEU A 222 15.05 0.29 -0.94
C LEU A 222 14.97 1.58 -1.74
N ASN A 223 15.36 2.73 -1.20
CA ASN A 223 15.21 3.97 -1.96
C ASN A 223 16.07 3.92 -3.20
N THR A 224 15.57 4.39 -4.32
CA THR A 224 16.26 4.20 -5.60
C THR A 224 17.12 5.40 -5.97
N VAL A 225 17.24 6.43 -5.17
CA VAL A 225 18.05 7.59 -5.61
C VAL A 225 19.53 7.19 -5.73
N SER A 226 20.12 7.61 -6.82
CA SER A 226 21.54 7.37 -7.16
C SER A 226 22.14 8.73 -7.47
N PRO A 227 23.43 8.96 -7.11
CA PRO A 227 24.34 8.01 -6.48
C PRO A 227 24.30 8.00 -4.97
N THR A 228 23.47 8.85 -4.36
CA THR A 228 23.37 8.97 -2.90
C THR A 228 21.95 8.56 -2.52
N GLN A 229 21.79 7.41 -1.91
CA GLN A 229 20.46 6.93 -1.52
C GLN A 229 19.90 7.90 -0.50
N GLN A 230 18.58 8.10 -0.57
CA GLN A 230 17.86 9.06 0.29
C GLN A 230 16.97 8.33 1.30
N LYS A 231 16.66 9.04 2.37
CA LYS A 231 15.77 8.56 3.42
C LYS A 231 14.30 8.82 3.16
N THR A 232 13.48 7.91 3.66
CA THR A 232 12.03 8.14 3.61
C THR A 232 11.62 9.29 4.53
N PHE A 233 10.42 9.75 4.32
CA PHE A 233 9.81 10.76 5.19
C PHE A 233 9.79 10.27 6.63
N PHE A 234 9.45 9.01 6.85
CA PHE A 234 9.43 8.45 8.21
C PHE A 234 10.82 8.43 8.80
N ASP A 235 11.78 7.96 8.06
CA ASP A 235 13.14 7.90 8.61
C ASP A 235 13.63 9.29 8.91
N ASN A 236 13.37 10.29 8.12
CA ASN A 236 13.76 11.67 8.42
C ASN A 236 12.98 12.20 9.61
N ALA A 237 11.74 11.87 9.81
CA ALA A 237 10.93 12.40 10.93
C ALA A 237 11.23 11.74 12.25
N LYS A 238 11.73 10.51 12.20
N LYS A 238 11.77 10.54 12.21
N LYS A 238 11.73 10.51 12.20
N LYS A 238 11.77 10.55 12.21
CA LYS A 238 11.79 9.56 13.34
CA LYS A 238 11.76 9.58 13.34
CA LYS A 238 11.79 9.56 13.34
CA LYS A 238 11.76 9.60 13.35
C LYS A 238 12.28 10.23 14.62
C LYS A 238 12.30 10.19 14.64
C LYS A 238 12.28 10.23 14.62
C LYS A 238 12.30 10.20 14.65
N ALA A 239 13.45 10.84 14.56
CA ALA A 239 14.15 11.33 15.77
C ALA A 239 13.29 12.42 16.41
N SER A 240 12.48 13.15 15.66
CA SER A 240 11.61 14.23 16.16
C SER A 240 10.31 13.70 16.74
N LEU A 241 9.91 12.48 16.41
CA LEU A 241 8.60 11.99 16.81
C LEU A 241 8.55 11.67 18.29
N ASP A 242 7.38 11.76 18.85
CA ASP A 242 7.21 11.39 20.28
C ASP A 242 7.55 9.92 20.50
N SER A 243 7.24 9.05 19.54
N SER A 243 7.11 9.06 19.58
N SER A 243 7.23 9.06 19.54
N SER A 243 7.11 9.06 19.58
CA SER A 243 7.49 7.60 19.55
CA SER A 243 7.49 7.63 19.52
CA SER A 243 7.48 7.60 19.56
CA SER A 243 7.50 7.63 19.52
C SER A 243 7.81 7.24 18.11
C SER A 243 7.85 7.30 18.08
C SER A 243 7.81 7.24 18.11
C SER A 243 7.85 7.30 18.08
N PRO A 244 8.80 6.37 17.83
CA PRO A 244 9.25 6.12 16.46
C PRO A 244 8.36 5.13 15.71
N VAL A 245 7.13 5.57 15.47
CA VAL A 245 6.07 4.70 14.96
C VAL A 245 5.24 5.48 13.98
N PHE A 246 4.59 4.73 13.08
CA PHE A 246 3.43 5.28 12.37
C PHE A 246 2.37 4.21 12.34
N THR A 247 1.12 4.59 12.17
CA THR A 247 0.03 3.65 12.18
C THR A 247 -0.81 3.87 10.93
N ALA A 248 -1.34 2.77 10.42
CA ALA A 248 -2.26 2.73 9.29
C ALA A 248 -3.58 2.23 9.76
N ASP A 249 -4.62 3.01 9.51
CA ASP A 249 -5.98 2.68 9.87
C ASP A 249 -6.83 2.91 8.64
N LEU A 250 -6.82 1.98 7.72
CA LEU A 250 -7.49 2.15 6.41
C LEU A 250 -8.94 1.80 6.58
N GLY A 251 -9.80 2.54 5.88
CA GLY A 251 -11.24 2.31 5.90
C GLY A 251 -11.70 1.36 4.82
N TYR A 252 -12.77 0.66 5.07
CA TYR A 252 -13.52 -0.10 4.05
C TYR A 252 -14.57 0.84 3.47
N HIS A 253 -14.37 1.20 2.23
CA HIS A 253 -15.28 2.09 1.51
C HIS A 253 -15.49 3.35 2.33
N ALA A 254 -14.43 3.88 2.96
CA ALA A 254 -14.55 5.02 3.85
C ALA A 254 -13.14 5.55 4.08
N PRO A 255 -13.01 6.80 4.49
CA PRO A 255 -11.72 7.35 4.86
C PRO A 255 -11.18 6.68 6.13
N GLY A 256 -9.88 6.82 6.28
CA GLY A 256 -9.15 6.32 7.45
C GLY A 256 -8.07 7.29 7.78
N THR A 257 -7.05 6.82 8.50
CA THR A 257 -6.06 7.71 9.09
C THR A 257 -4.68 7.11 9.02
N TYR A 258 -3.69 7.93 8.76
CA TYR A 258 -2.26 7.66 9.01
C TYR A 258 -1.84 8.59 10.13
N ASN A 259 -1.32 8.02 11.19
CA ASN A 259 -0.73 8.80 12.30
C ASN A 259 0.75 8.55 12.38
N PHE A 260 1.50 9.57 12.74
CA PHE A 260 2.95 9.50 12.94
C PHE A 260 3.28 9.93 14.33
N GLY A 261 3.99 9.09 15.07
CA GLY A 261 4.58 9.46 16.36
C GLY A 261 3.73 9.12 17.51
N PHE A 262 2.57 8.50 17.38
CA PHE A 262 1.75 8.15 18.52
C PHE A 262 0.79 7.06 18.09
N ILE A 263 0.27 6.34 19.07
N ILE A 263 0.39 6.26 19.09
N ILE A 263 0.27 6.34 19.07
N ILE A 263 0.38 6.26 19.08
CA ILE A 263 -0.69 5.23 18.86
CA ILE A 263 -0.76 5.30 19.02
CA ILE A 263 -0.69 5.23 18.86
CA ILE A 263 -0.76 5.29 19.01
C ILE A 263 -2.00 5.70 19.49
C ILE A 263 -2.03 5.96 19.49
C ILE A 263 -2.00 5.70 19.49
C ILE A 263 -2.03 5.96 19.49
N ASP A 264 -3.04 5.94 18.65
CA ASP A 264 -4.36 6.39 19.10
C ASP A 264 -5.08 5.22 19.72
N THR A 265 -5.12 5.17 21.05
CA THR A 265 -5.72 4.03 21.77
C THR A 265 -7.23 4.04 21.62
N THR A 266 -7.84 5.04 21.01
CA THR A 266 -9.30 5.07 20.75
C THR A 266 -9.63 4.42 19.41
N ALA A 267 -8.63 4.13 18.59
CA ALA A 267 -8.84 3.74 17.19
C ALA A 267 -8.96 2.24 17.04
N TYR A 268 -8.80 1.45 18.09
CA TYR A 268 -8.87 -0.02 17.97
C TYR A 268 -9.55 -0.59 19.16
N THR A 269 -9.94 -1.84 19.07
CA THR A 269 -10.59 -2.59 20.15
C THR A 269 -9.59 -3.62 20.66
N GLY A 270 -9.73 -4.04 21.91
CA GLY A 270 -8.84 -5.06 22.49
C GLY A 270 -7.41 -4.55 22.58
N SER A 271 -6.47 -5.45 22.40
N SER A 271 -6.48 -5.49 22.43
N SER A 271 -6.47 -5.45 22.40
N SER A 271 -6.47 -5.46 22.40
CA SER A 271 -5.05 -5.12 22.54
CA SER A 271 -5.01 -5.29 22.54
CA SER A 271 -5.04 -5.13 22.54
CA SER A 271 -5.04 -5.19 22.55
C SER A 271 -4.34 -5.25 21.19
C SER A 271 -4.39 -5.19 21.15
C SER A 271 -4.34 -5.25 21.19
C SER A 271 -4.33 -5.29 21.20
N ILE A 272 -3.16 -4.67 21.10
CA ILE A 272 -2.33 -4.75 19.90
C ILE A 272 -1.41 -5.94 20.09
N THR A 273 -1.36 -6.83 19.11
CA THR A 273 -0.40 -7.95 19.11
C THR A 273 0.76 -7.60 18.22
N TYR A 274 1.94 -7.55 18.78
CA TYR A 274 3.15 -7.23 18.03
C TYR A 274 3.85 -8.50 17.57
N THR A 275 4.47 -8.43 16.44
CA THR A 275 5.15 -9.56 15.79
C THR A 275 6.44 -9.08 15.19
N ALA A 276 7.40 -9.98 15.06
CA ALA A 276 8.74 -9.62 14.60
C ALA A 276 8.75 -9.25 13.14
N VAL A 277 9.68 -8.42 12.79
CA VAL A 277 9.88 -7.95 11.43
C VAL A 277 11.28 -8.29 10.96
N SER A 278 11.43 -8.76 9.77
CA SER A 278 12.73 -8.87 9.10
C SER A 278 12.84 -7.69 8.16
N THR A 279 13.95 -6.98 8.20
CA THR A 279 14.24 -5.87 7.28
C THR A 279 15.19 -6.32 6.17
N LYS A 280 15.45 -7.62 6.07
CA LYS A 280 16.48 -8.09 5.13
C LYS A 280 16.17 -7.77 3.68
N GLN A 281 14.92 -7.72 3.27
CA GLN A 281 14.54 -7.36 1.90
C GLN A 281 14.08 -5.90 1.83
N GLY A 282 14.18 -5.16 2.92
CA GLY A 282 13.77 -3.74 2.93
C GLY A 282 12.28 -3.53 3.16
N PHE A 283 11.55 -4.56 3.43
CA PHE A 283 10.09 -4.47 3.61
C PHE A 283 9.75 -4.65 5.05
N TRP A 284 8.49 -4.35 5.40
CA TRP A 284 7.89 -4.70 6.70
C TRP A 284 7.46 -6.16 6.58
N GLU A 285 8.44 -7.08 6.66
CA GLU A 285 8.22 -8.50 6.40
C GLU A 285 8.03 -9.21 7.73
N TRP A 286 7.00 -10.01 7.84
CA TRP A 286 6.60 -10.66 9.07
C TRP A 286 6.07 -12.05 8.73
N THR A 287 5.74 -12.81 9.74
CA THR A 287 5.23 -14.18 9.54
C THR A 287 3.90 -14.33 10.22
N SER A 288 2.85 -14.50 9.45
CA SER A 288 1.54 -14.85 10.00
C SER A 288 1.56 -16.28 10.51
N THR A 289 0.74 -16.54 11.49
CA THR A 289 0.69 -17.85 12.16
C THR A 289 -0.39 -18.73 11.56
N GLY A 290 -1.18 -18.30 10.59
CA GLY A 290 -2.07 -19.23 9.92
C GLY A 290 -3.32 -18.55 9.43
N TYR A 291 -4.31 -19.34 9.09
CA TYR A 291 -5.50 -18.75 8.49
C TYR A 291 -6.69 -19.64 8.72
N ALA A 292 -7.86 -19.06 8.57
CA ALA A 292 -9.12 -19.80 8.51
C ALA A 292 -9.95 -19.23 7.38
N VAL A 293 -10.82 -20.05 6.84
CA VAL A 293 -11.79 -19.63 5.81
C VAL A 293 -13.16 -19.65 6.41
N GLY A 294 -13.88 -18.57 6.41
CA GLY A 294 -15.20 -18.51 7.00
C GLY A 294 -15.19 -18.98 8.43
N SER A 295 -16.15 -19.83 8.74
N SER A 295 -16.13 -19.85 8.77
N SER A 295 -16.15 -19.83 8.76
N SER A 295 -16.13 -19.86 8.76
CA SER A 295 -16.32 -20.40 10.10
CA SER A 295 -16.30 -20.42 10.13
CA SER A 295 -16.31 -20.38 10.11
CA SER A 295 -16.30 -20.42 10.13
C SER A 295 -15.50 -21.67 10.25
C SER A 295 -15.36 -21.61 10.35
C SER A 295 -15.50 -21.67 10.25
C SER A 295 -15.36 -21.61 10.35
N GLY A 296 -14.58 -21.98 9.33
CA GLY A 296 -13.73 -23.17 9.37
C GLY A 296 -12.67 -23.15 10.44
N THR A 297 -12.07 -24.30 10.64
CA THR A 297 -10.99 -24.47 11.62
C THR A 297 -9.80 -23.60 11.22
N PHE A 298 -9.12 -23.10 12.20
CA PHE A 298 -7.88 -22.36 11.95
C PHE A 298 -6.76 -23.31 11.63
N LYS A 299 -6.04 -23.09 10.55
CA LYS A 299 -4.88 -23.87 10.11
C LYS A 299 -3.63 -23.14 10.58
N SER A 300 -2.90 -23.74 11.50
CA SER A 300 -1.63 -23.22 12.00
C SER A 300 -0.57 -23.49 10.97
N THR A 301 0.03 -22.46 10.39
CA THR A 301 1.02 -22.59 9.34
C THR A 301 1.71 -21.24 9.23
N SER A 302 2.99 -21.21 9.07
CA SER A 302 3.77 -19.96 8.94
C SER A 302 3.63 -19.40 7.57
N ILE A 303 3.21 -18.14 7.42
CA ILE A 303 3.13 -17.51 6.09
C ILE A 303 3.93 -16.23 6.16
N ASP A 304 5.12 -16.24 5.61
N ASP A 304 5.06 -16.18 5.49
N ASP A 304 5.12 -16.24 5.61
N ASP A 304 5.06 -16.18 5.49
CA ASP A 304 5.95 -15.03 5.50
CA ASP A 304 5.95 -15.01 5.50
CA ASP A 304 5.95 -15.03 5.50
CA ASP A 304 5.95 -15.00 5.51
C ASP A 304 5.22 -14.09 4.54
C ASP A 304 5.50 -14.02 4.41
C ASP A 304 5.24 -14.09 4.53
C ASP A 304 5.50 -14.03 4.41
N GLY A 305 5.26 -12.78 4.77
CA GLY A 305 4.80 -11.82 3.78
C GLY A 305 5.07 -10.43 4.24
N ILE A 306 4.67 -9.48 3.44
CA ILE A 306 4.94 -8.07 3.74
C ILE A 306 3.65 -7.33 4.00
N ALA A 307 3.70 -6.34 4.86
CA ALA A 307 2.57 -5.43 5.10
C ALA A 307 2.71 -4.28 4.14
N ASP A 308 1.83 -4.19 3.13
CA ASP A 308 2.03 -3.28 1.98
C ASP A 308 0.78 -2.45 1.70
N THR A 309 0.75 -1.23 2.19
CA THR A 309 -0.42 -0.36 1.98
C THR A 309 -0.57 0.05 0.54
N GLY A 310 0.46 -0.07 -0.27
N GLY A 310 0.46 -0.07 -0.27
N GLY A 310 0.49 -0.08 -0.25
N GLY A 310 0.49 -0.08 -0.25
CA GLY A 310 0.41 0.31 -1.68
CA GLY A 310 0.41 0.31 -1.68
CA GLY A 310 0.51 0.30 -1.67
CA GLY A 310 0.51 0.30 -1.67
C GLY A 310 -0.03 -0.81 -2.61
C GLY A 310 -0.03 -0.81 -2.61
C GLY A 310 -0.13 -0.75 -2.58
C GLY A 310 -0.13 -0.75 -2.58
N THR A 311 -0.39 -1.95 -2.05
CA THR A 311 -0.96 -3.07 -2.84
C THR A 311 -2.42 -3.21 -2.47
N THR A 312 -3.28 -3.30 -3.47
CA THR A 312 -4.73 -3.36 -3.19
C THR A 312 -5.15 -4.67 -2.53
N LEU A 313 -4.69 -5.78 -3.06
CA LEU A 313 -5.24 -7.10 -2.72
C LEU A 313 -4.37 -7.87 -1.73
N LEU A 314 -4.88 -9.01 -1.33
CA LEU A 314 -4.17 -9.97 -0.43
C LEU A 314 -3.65 -11.08 -1.31
N TYR A 315 -2.33 -11.23 -1.39
CA TYR A 315 -1.66 -12.26 -2.21
C TYR A 315 -1.04 -13.30 -1.31
N LEU A 316 -1.51 -14.53 -1.39
CA LEU A 316 -1.10 -15.60 -0.48
C LEU A 316 -0.74 -16.85 -1.28
N PRO A 317 -0.16 -17.85 -0.64
CA PRO A 317 0.24 -19.05 -1.38
C PRO A 317 -0.95 -19.72 -2.04
N ALA A 318 -0.70 -20.38 -3.14
CA ALA A 318 -1.76 -20.99 -3.95
C ALA A 318 -2.59 -21.98 -3.16
N THR A 319 -2.00 -22.68 -2.24
CA THR A 319 -2.74 -23.63 -1.39
C THR A 319 -3.84 -22.91 -0.61
N VAL A 320 -3.45 -21.78 0.00
CA VAL A 320 -4.34 -21.02 0.89
C VAL A 320 -5.45 -20.43 0.04
N VAL A 321 -5.10 -19.87 -1.09
CA VAL A 321 -6.06 -19.19 -1.96
C VAL A 321 -7.05 -20.19 -2.53
N SER A 322 -6.55 -21.38 -2.93
CA SER A 322 -7.47 -22.42 -3.43
C SER A 322 -8.44 -22.84 -2.35
N ALA A 323 -7.98 -23.00 -1.13
CA ALA A 323 -8.85 -23.36 -0.01
C ALA A 323 -9.93 -22.32 0.21
N TYR A 324 -9.60 -21.05 0.05
CA TYR A 324 -10.61 -19.98 0.22
C TYR A 324 -11.64 -20.08 -0.89
N TRP A 325 -11.23 -20.05 -2.16
CA TRP A 325 -12.18 -19.95 -3.26
C TRP A 325 -12.97 -21.25 -3.46
N ALA A 326 -12.48 -22.37 -2.96
CA ALA A 326 -13.24 -23.63 -2.97
C ALA A 326 -14.53 -23.46 -2.19
N GLN A 327 -14.62 -22.51 -1.28
CA GLN A 327 -15.86 -22.31 -0.48
C GLN A 327 -16.79 -21.37 -1.19
N VAL A 328 -16.57 -20.96 -2.42
CA VAL A 328 -17.48 -20.05 -3.15
C VAL A 328 -17.92 -20.78 -4.40
N SER A 329 -19.23 -21.06 -4.48
N SER A 329 -19.21 -21.13 -4.47
N SER A 329 -19.22 -21.06 -4.49
N SER A 329 -19.21 -21.13 -4.47
CA SER A 329 -19.86 -21.76 -5.64
CA SER A 329 -19.77 -21.90 -5.61
CA SER A 329 -19.80 -21.80 -5.64
CA SER A 329 -19.79 -21.89 -5.61
C SER A 329 -19.54 -21.01 -6.93
C SER A 329 -19.58 -21.08 -6.88
C SER A 329 -19.55 -21.03 -6.92
C SER A 329 -19.58 -21.08 -6.88
N GLY A 330 -18.94 -21.68 -7.88
CA GLY A 330 -18.68 -21.12 -9.18
C GLY A 330 -17.41 -20.28 -9.24
N ALA A 331 -16.63 -20.17 -8.17
CA ALA A 331 -15.35 -19.44 -8.28
C ALA A 331 -14.35 -20.25 -9.05
N LYS A 332 -13.48 -19.58 -9.77
CA LYS A 332 -12.47 -20.26 -10.57
C LYS A 332 -11.35 -19.30 -10.81
N SER A 333 -10.17 -19.85 -11.10
CA SER A 333 -9.03 -19.09 -11.56
C SER A 333 -9.12 -18.95 -13.06
N SER A 334 -9.14 -17.75 -13.54
CA SER A 334 -9.22 -17.39 -14.97
C SER A 334 -7.88 -16.83 -15.44
N SER A 335 -7.18 -17.55 -16.32
N SER A 335 -7.21 -17.58 -16.32
N SER A 335 -7.18 -17.55 -16.32
N SER A 335 -7.22 -17.58 -16.31
CA SER A 335 -5.94 -17.03 -16.94
CA SER A 335 -5.99 -17.17 -17.04
CA SER A 335 -5.95 -17.06 -16.97
CA SER A 335 -5.99 -17.17 -17.05
C SER A 335 -6.27 -15.84 -17.86
C SER A 335 -6.27 -15.90 -17.86
C SER A 335 -6.28 -15.85 -17.85
C SER A 335 -6.27 -15.91 -17.85
N SER A 336 -7.46 -15.82 -18.48
CA SER A 336 -7.86 -14.66 -19.34
C SER A 336 -7.99 -13.39 -18.49
N VAL A 337 -8.59 -13.50 -17.30
CA VAL A 337 -8.82 -12.30 -16.47
C VAL A 337 -7.56 -12.00 -15.64
N GLY A 338 -6.80 -13.01 -15.25
CA GLY A 338 -5.60 -12.87 -14.43
C GLY A 338 -5.85 -13.05 -12.95
N GLY A 339 -6.73 -13.96 -12.60
CA GLY A 339 -6.84 -14.41 -11.22
C GLY A 339 -8.17 -15.03 -10.98
N TYR A 340 -8.46 -15.26 -9.73
CA TYR A 340 -9.74 -15.81 -9.29
C TYR A 340 -10.86 -14.79 -9.49
N VAL A 341 -11.91 -15.34 -10.07
CA VAL A 341 -13.20 -14.64 -10.27
C VAL A 341 -14.29 -15.49 -9.67
N PHE A 342 -15.41 -14.85 -9.41
CA PHE A 342 -16.51 -15.52 -8.73
C PHE A 342 -17.80 -14.91 -9.22
N PRO A 343 -18.93 -15.63 -9.09
CA PRO A 343 -20.20 -15.06 -9.50
C PRO A 343 -20.56 -13.88 -8.65
N CYS A 344 -20.99 -12.80 -9.33
CA CYS A 344 -21.40 -11.61 -8.58
C CYS A 344 -22.60 -11.90 -7.66
N SER A 345 -23.33 -12.96 -7.89
CA SER A 345 -24.44 -13.36 -7.01
C SER A 345 -23.98 -14.00 -5.73
N ALA A 346 -22.68 -14.27 -5.55
CA ALA A 346 -22.20 -14.98 -4.36
C ALA A 346 -22.17 -14.09 -3.15
N THR A 347 -22.30 -14.74 -2.00
CA THR A 347 -21.93 -14.17 -0.69
C THR A 347 -20.59 -14.75 -0.29
N LEU A 348 -19.59 -13.92 -0.07
CA LEU A 348 -18.22 -14.42 0.18
C LEU A 348 -18.05 -14.72 1.66
N PRO A 349 -17.31 -15.77 1.98
CA PRO A 349 -16.91 -16.03 3.36
C PRO A 349 -15.84 -15.05 3.82
N SER A 350 -15.74 -14.90 5.13
CA SER A 350 -14.63 -14.17 5.70
C SER A 350 -13.31 -14.93 5.53
N PHE A 351 -12.24 -14.25 5.80
CA PHE A 351 -10.90 -14.84 5.83
C PHE A 351 -10.21 -14.37 7.08
N THR A 352 -9.67 -15.27 7.89
CA THR A 352 -8.96 -14.90 9.11
C THR A 352 -7.50 -15.14 8.94
N PHE A 353 -6.63 -14.25 9.36
CA PHE A 353 -5.20 -14.50 9.42
C PHE A 353 -4.68 -14.34 10.85
N GLY A 354 -3.67 -15.12 11.18
CA GLY A 354 -3.09 -15.09 12.52
C GLY A 354 -1.97 -14.10 12.62
N VAL A 355 -1.93 -13.46 13.81
CA VAL A 355 -0.83 -12.59 14.25
C VAL A 355 -0.46 -13.10 15.62
N GLY A 356 0.60 -13.87 15.70
CA GLY A 356 0.87 -14.60 16.96
C GLY A 356 -0.36 -15.40 17.32
N SER A 357 -0.80 -15.32 18.57
N SER A 357 -0.79 -15.28 18.58
N SER A 357 -0.81 -15.34 18.57
N SER A 357 -0.79 -15.28 18.58
CA SER A 357 -2.00 -16.03 19.06
CA SER A 357 -1.98 -15.99 19.10
CA SER A 357 -2.03 -16.05 19.03
CA SER A 357 -1.98 -16.00 19.10
C SER A 357 -3.29 -15.26 18.74
C SER A 357 -3.27 -15.25 18.76
C SER A 357 -3.30 -15.26 18.73
C SER A 357 -3.27 -15.25 18.76
N ALA A 358 -3.17 -14.06 18.17
CA ALA A 358 -4.34 -13.23 17.83
C ALA A 358 -4.84 -13.55 16.40
N ARG A 359 -5.99 -13.06 16.12
CA ARG A 359 -6.64 -13.33 14.83
C ARG A 359 -7.23 -12.04 14.30
N ILE A 360 -7.07 -11.77 13.03
CA ILE A 360 -7.71 -10.63 12.34
C ILE A 360 -8.68 -11.25 11.35
N VAL A 361 -9.90 -10.82 11.39
CA VAL A 361 -10.95 -11.33 10.49
C VAL A 361 -11.23 -10.32 9.41
N ILE A 362 -11.07 -10.70 8.16
CA ILE A 362 -11.41 -9.92 6.98
C ILE A 362 -12.83 -10.30 6.59
N PRO A 363 -13.84 -9.43 6.72
CA PRO A 363 -15.19 -9.78 6.31
C PRO A 363 -15.19 -10.11 4.83
N GLY A 364 -16.14 -10.99 4.47
CA GLY A 364 -16.30 -11.39 3.07
C GLY A 364 -16.48 -10.23 2.12
N ASP A 365 -17.21 -9.21 2.56
N ASP A 365 -17.21 -9.17 2.48
N ASP A 365 -17.21 -9.21 2.56
N ASP A 365 -17.21 -9.17 2.48
CA ASP A 365 -17.48 -8.07 1.66
CA ASP A 365 -17.44 -8.10 1.48
CA ASP A 365 -17.47 -8.05 1.70
CA ASP A 365 -17.44 -8.10 1.48
C ASP A 365 -16.18 -7.39 1.25
C ASP A 365 -16.16 -7.28 1.25
C ASP A 365 -16.17 -7.40 1.25
C ASP A 365 -16.15 -7.29 1.25
N TYR A 366 -15.14 -7.42 2.09
CA TYR A 366 -13.87 -6.78 1.77
C TYR A 366 -13.18 -7.48 0.59
N ILE A 367 -13.57 -8.70 0.29
CA ILE A 367 -12.89 -9.54 -0.72
C ILE A 367 -13.57 -9.38 -2.06
N ASP A 368 -14.64 -8.59 -2.13
N ASP A 368 -14.66 -8.62 -2.14
CA ASP A 368 -15.34 -8.30 -3.41
CA ASP A 368 -15.40 -8.48 -3.42
C ASP A 368 -14.75 -7.10 -4.10
C ASP A 368 -14.92 -7.21 -4.14
N PHE A 369 -14.21 -7.34 -5.28
CA PHE A 369 -13.71 -6.21 -6.08
C PHE A 369 -14.58 -5.99 -7.33
N GLY A 370 -15.76 -6.49 -7.32
CA GLY A 370 -16.82 -6.12 -8.28
C GLY A 370 -16.55 -6.68 -9.66
N PRO A 371 -17.43 -6.29 -10.61
CA PRO A 371 -17.40 -6.88 -11.95
C PRO A 371 -16.07 -6.74 -12.63
N ILE A 372 -15.69 -7.72 -13.37
CA ILE A 372 -14.37 -7.70 -14.07
C ILE A 372 -14.38 -6.64 -15.15
N SER A 373 -15.49 -6.35 -15.71
CA SER A 373 -15.72 -5.31 -16.74
C SER A 373 -17.08 -4.80 -16.45
N THR A 374 -17.35 -3.58 -16.88
CA THR A 374 -18.57 -2.97 -16.56
C THR A 374 -19.77 -3.83 -16.99
N GLY A 375 -20.74 -4.10 -16.14
CA GLY A 375 -21.91 -4.87 -16.40
C GLY A 375 -21.77 -6.41 -16.34
N SER A 376 -20.55 -6.89 -16.14
CA SER A 376 -20.30 -8.34 -16.09
C SER A 376 -20.92 -8.93 -14.83
N SER A 377 -21.33 -10.16 -14.92
CA SER A 377 -21.72 -10.94 -13.73
C SER A 377 -20.59 -11.77 -13.16
N SER A 378 -19.39 -11.65 -13.68
N SER A 378 -19.38 -11.60 -13.67
N SER A 378 -19.39 -11.65 -13.68
N SER A 378 -19.37 -11.61 -13.67
CA SER A 378 -18.19 -12.22 -13.04
CA SER A 378 -18.12 -12.20 -13.14
CA SER A 378 -18.18 -12.21 -13.05
CA SER A 378 -18.13 -12.21 -13.13
C SER A 378 -17.51 -11.10 -12.27
C SER A 378 -17.38 -11.14 -12.31
C SER A 378 -17.51 -11.10 -12.27
C SER A 378 -17.39 -11.14 -12.32
N CYS A 379 -17.18 -11.41 -11.03
CA CYS A 379 -16.55 -10.45 -10.11
C CYS A 379 -15.13 -10.88 -9.79
N PHE A 380 -14.30 -9.90 -9.54
CA PHE A 380 -12.87 -10.16 -9.28
C PHE A 380 -12.64 -10.35 -7.79
N GLY A 381 -11.89 -11.38 -7.45
CA GLY A 381 -11.62 -11.65 -6.04
C GLY A 381 -10.51 -10.81 -5.42
N GLY A 382 -10.66 -10.57 -4.12
CA GLY A 382 -9.67 -9.79 -3.40
C GLY A 382 -8.57 -10.59 -2.75
N ILE A 383 -8.63 -11.88 -2.82
CA ILE A 383 -7.58 -12.80 -2.38
C ILE A 383 -7.11 -13.49 -3.63
N GLN A 384 -5.81 -13.41 -3.90
CA GLN A 384 -5.21 -13.93 -5.14
C GLN A 384 -3.95 -14.66 -4.81
N SER A 385 -3.49 -15.52 -5.70
CA SER A 385 -2.25 -16.26 -5.48
C SER A 385 -1.05 -15.37 -5.64
N SER A 386 -0.09 -15.57 -4.76
CA SER A 386 1.22 -14.94 -4.88
C SER A 386 2.20 -15.73 -5.71
N ALA A 387 1.76 -16.83 -6.33
N ALA A 387 1.81 -16.91 -6.20
N ALA A 387 1.76 -16.83 -6.32
N ALA A 387 1.82 -16.91 -6.19
CA ALA A 387 2.64 -17.67 -7.17
CA ALA A 387 2.78 -17.88 -6.77
CA ALA A 387 2.64 -17.67 -7.16
CA ALA A 387 2.80 -17.83 -6.79
C ALA A 387 3.12 -16.85 -8.38
C ALA A 387 3.62 -17.24 -7.87
C ALA A 387 3.15 -16.85 -8.34
C ALA A 387 3.65 -17.12 -7.87
N GLY A 388 4.44 -16.69 -8.49
N GLY A 388 3.10 -16.26 -8.64
N GLY A 388 4.48 -16.73 -8.44
N GLY A 388 3.07 -16.22 -8.68
CA GLY A 388 5.09 -15.92 -9.56
CA GLY A 388 3.83 -15.60 -9.74
CA GLY A 388 5.17 -15.97 -9.50
CA GLY A 388 3.79 -15.54 -9.77
C GLY A 388 5.48 -14.54 -9.07
C GLY A 388 4.39 -14.25 -9.33
C GLY A 388 5.45 -14.54 -9.08
C GLY A 388 4.66 -14.38 -9.30
N ILE A 389 4.91 -14.06 -7.95
N ILE A 389 4.71 -14.06 -8.03
N ILE A 389 4.92 -14.09 -7.92
N ILE A 389 4.67 -14.06 -8.00
CA ILE A 389 5.30 -12.75 -7.33
CA ILE A 389 5.26 -12.80 -7.42
CA ILE A 389 5.30 -12.78 -7.33
CA ILE A 389 5.26 -12.81 -7.40
C ILE A 389 6.61 -12.96 -6.58
C ILE A 389 6.61 -13.02 -6.71
C ILE A 389 6.61 -12.97 -6.59
C ILE A 389 6.61 -13.03 -6.73
N GLY A 390 6.78 -14.13 -5.97
CA GLY A 390 7.99 -14.42 -5.18
C GLY A 390 7.87 -13.94 -3.76
N ILE A 391 6.73 -13.30 -3.37
CA ILE A 391 6.45 -12.91 -1.98
C ILE A 391 4.93 -12.84 -1.75
N ASN A 392 4.58 -13.13 -0.53
CA ASN A 392 3.18 -12.96 -0.09
C ASN A 392 3.01 -11.50 0.30
N ILE A 393 1.85 -10.96 0.02
CA ILE A 393 1.60 -9.51 0.25
C ILE A 393 0.30 -9.34 1.01
N PHE A 394 0.39 -8.83 2.23
CA PHE A 394 -0.75 -8.41 3.01
C PHE A 394 -1.05 -6.98 2.58
N GLY A 395 -1.79 -6.81 1.52
CA GLY A 395 -2.19 -5.53 0.99
C GLY A 395 -3.43 -5.01 1.67
N ASP A 396 -4.01 -4.01 1.05
CA ASP A 396 -5.10 -3.25 1.69
C ASP A 396 -6.28 -4.11 2.13
N VAL A 397 -6.61 -5.15 1.39
CA VAL A 397 -7.70 -6.06 1.76
C VAL A 397 -7.49 -6.55 3.18
N ALA A 398 -6.29 -6.95 3.49
CA ALA A 398 -6.00 -7.42 4.84
C ALA A 398 -5.82 -6.25 5.81
N LEU A 399 -5.03 -5.26 5.42
CA LEU A 399 -4.67 -4.20 6.40
C LEU A 399 -5.87 -3.41 6.82
N LYS A 400 -6.86 -3.22 5.93
N LYS A 400 -6.87 -3.22 5.95
N LYS A 400 -6.85 -3.21 5.93
N LYS A 400 -6.87 -3.22 5.95
CA LYS A 400 -8.02 -2.37 6.27
CA LYS A 400 -7.99 -2.34 6.35
CA LYS A 400 -8.02 -2.37 6.27
CA LYS A 400 -7.99 -2.34 6.35
C LYS A 400 -8.88 -3.05 7.34
C LYS A 400 -8.93 -3.07 7.31
C LYS A 400 -8.88 -3.05 7.33
C LYS A 400 -8.94 -3.07 7.30
N ALA A 401 -8.72 -4.36 7.54
CA ALA A 401 -9.44 -5.06 8.62
C ALA A 401 -8.78 -4.83 9.99
N ALA A 402 -7.70 -4.11 10.05
CA ALA A 402 -6.95 -3.97 11.31
C ALA A 402 -6.50 -2.52 11.51
N PHE A 403 -6.13 -2.25 12.76
CA PHE A 403 -5.32 -1.08 13.11
C PHE A 403 -3.87 -1.59 13.11
N VAL A 404 -3.00 -1.02 12.33
CA VAL A 404 -1.67 -1.58 12.10
C VAL A 404 -0.62 -0.57 12.56
N VAL A 405 0.27 -1.05 13.43
CA VAL A 405 1.38 -0.26 13.96
C VAL A 405 2.67 -0.64 13.28
N PHE A 406 3.32 0.31 12.65
CA PHE A 406 4.63 0.13 12.04
C PHE A 406 5.61 0.76 13.03
N ASN A 407 6.22 -0.14 13.82
CA ASN A 407 7.12 0.28 14.89
C ASN A 407 8.54 0.33 14.37
N GLY A 408 9.05 1.52 14.17
CA GLY A 408 10.40 1.78 13.65
C GLY A 408 11.45 2.00 14.72
N ALA A 409 11.28 1.44 15.87
CA ALA A 409 12.35 1.37 16.89
C ALA A 409 13.54 0.58 16.34
N THR A 410 14.63 0.65 17.12
CA THR A 410 15.93 0.03 16.75
C THR A 410 15.68 -1.39 16.24
N THR A 411 14.86 -2.15 16.96
CA THR A 411 14.36 -3.47 16.49
C THR A 411 12.91 -3.25 16.00
N PRO A 412 12.70 -3.16 14.68
CA PRO A 412 11.33 -2.89 14.24
C PRO A 412 10.39 -4.03 14.50
N THR A 413 9.12 -3.73 14.70
CA THR A 413 8.08 -4.72 14.85
C THR A 413 6.82 -4.20 14.16
N LEU A 414 5.90 -5.12 13.86
N LEU A 414 5.82 -5.06 14.16
N LEU A 414 5.90 -5.12 13.86
N LEU A 414 5.82 -5.07 14.15
CA LEU A 414 4.53 -4.74 13.45
CA LEU A 414 4.57 -4.76 13.46
CA LEU A 414 4.52 -4.74 13.44
CA LEU A 414 4.56 -4.76 13.45
C LEU A 414 3.56 -5.06 14.56
C LEU A 414 3.41 -5.18 14.37
C LEU A 414 3.56 -5.06 14.56
C LEU A 414 3.41 -5.18 14.37
N GLY A 415 2.52 -4.26 14.71
CA GLY A 415 1.43 -4.58 15.58
C GLY A 415 0.11 -4.58 14.86
N PHE A 416 -0.77 -5.48 15.21
CA PHE A 416 -2.12 -5.55 14.68
C PHE A 416 -3.11 -5.58 15.76
N ALA A 417 -4.18 -4.81 15.64
CA ALA A 417 -5.34 -4.87 16.52
C ALA A 417 -6.60 -4.94 15.66
N SER A 418 -7.62 -5.57 16.18
CA SER A 418 -8.97 -5.46 15.60
C SER A 418 -9.48 -4.04 15.82
N LYS A 419 -10.53 -3.69 15.08
CA LYS A 419 -11.12 -2.34 15.22
C LYS A 419 -12.61 -2.34 14.89
#